data_4ZC6
#
_entry.id   4ZC6
#
_cell.length_a   105.182
_cell.length_b   124.360
_cell.length_c   103.613
_cell.angle_alpha   90.000
_cell.angle_beta   90.000
_cell.angle_gamma   90.000
#
_symmetry.space_group_name_H-M   'C 2 2 21'
#
loop_
_entity.id
_entity.type
_entity.pdbx_description
1 polymer 'Gamma-glutamyltranspeptidase 1 heavy chain'
2 polymer 'Gamma-glutamyltranspeptidase 1 light chain'
3 non-polymer 2-acetamido-2-deoxy-beta-D-glucopyranose
4 non-polymer 'CHLORIDE ION'
5 non-polymer 'SODIUM ION'
6 non-polymer trihydroxy(L-serinato-kappaO~3~)borate(1-)
7 water water
#
loop_
_entity_poly.entity_id
_entity_poly.type
_entity_poly.pdbx_seq_one_letter_code
_entity_poly.pdbx_strand_id
1 'polypeptide(L)'
;SASKEPDNHVYTRAAVAADAKQCSKIGRDALRDGGSAVDAAIAALLCVGLMNAHSMGIGGGLFLTIYNSTTRKAEVINAR
EVAPRLAFATMFNSSEQSQKGGLSVAVPGEIRGYELAHQRHGRLPWARLFQPSIQLARQGFPVGKGLAAALENKRTVIEQ
QPVLCEVFCRDRKVLREGERLTLPQLADTYETLAIEGAQAFYNGSLTAQIVKDIQAAGGIVTAEDLNNYRAELIEHPLNI
SLGDAVLYMPSAPLSGPVLALILNILKGYNFSRESVESPEQKGLTYHRIVEAFRFAYAKRTLLGDPKFVDVTEVVRNMTS
EFFAAQLRAQISDDTTHPISYYKPEFYTPDDGG
;
A
2 'polypeptide(L)'
;TAHLSVVAEDGSAVSATSTINLYFGSKVRSPVSGILFNNEMDDFSSPSITNEFGVPPSPANFIQPGKQPLSSMCPTIMVG
QDGQVRMVVGAAGGTQITTATALAIIYNLWFGYDVKRAVEEPRLHNQLLPNVTTVERNIDQAVTAALETRHHHTQIASTF
IAVVQAIVRTAGGWAAASDSRKGGEPAGY
;
B
#
loop_
_chem_comp.id
_chem_comp.type
_chem_comp.name
_chem_comp.formula
CL non-polymer 'CHLORIDE ION' 'Cl -1'
NA non-polymer 'SODIUM ION' 'Na 1'
NAG D-saccharide, beta linking 2-acetamido-2-deoxy-beta-D-glucopyranose 'C8 H15 N O6'
#
# COMPACT_ATOMS: atom_id res chain seq x y z
N ASP A 7 9.87 -13.62 -18.92
CA ASP A 7 10.91 -13.39 -19.96
C ASP A 7 11.62 -12.04 -19.76
N ASN A 8 11.14 -11.04 -20.52
CA ASN A 8 11.60 -9.64 -20.46
C ASN A 8 10.58 -8.74 -19.73
N HIS A 9 9.30 -9.16 -19.77
CA HIS A 9 8.18 -8.50 -19.08
C HIS A 9 7.73 -7.18 -19.74
N VAL A 10 7.88 -7.10 -21.06
CA VAL A 10 7.14 -6.16 -21.92
C VAL A 10 6.07 -6.98 -22.66
N TYR A 11 4.85 -6.48 -22.71
CA TYR A 11 3.76 -7.26 -23.26
C TYR A 11 2.99 -6.35 -24.20
N THR A 12 2.55 -6.89 -25.34
CA THR A 12 1.94 -6.02 -26.36
C THR A 12 0.48 -5.72 -26.06
N ARG A 13 -0.18 -6.55 -25.27
CA ARG A 13 -1.62 -6.33 -25.04
C ARG A 13 -2.05 -5.99 -23.59
N ALA A 14 -1.49 -6.68 -22.59
CA ALA A 14 -1.95 -6.53 -21.21
C ALA A 14 -0.90 -7.02 -20.23
N ALA A 15 -0.95 -6.51 -19.01
CA ALA A 15 0.01 -6.93 -18.00
C ALA A 15 -0.51 -6.80 -16.57
N VAL A 16 -0.02 -7.68 -15.71
CA VAL A 16 -0.35 -7.65 -14.30
C VAL A 16 0.99 -7.70 -13.58
N ALA A 17 1.24 -6.72 -12.71
CA ALA A 17 2.41 -6.75 -11.84
C ALA A 17 2.02 -6.93 -10.36
N ALA A 18 2.23 -8.13 -9.84
CA ALA A 18 1.95 -8.51 -8.44
C ALA A 18 3.23 -8.99 -7.80
N ASP A 19 3.23 -9.10 -6.46
CA ASP A 19 4.42 -9.46 -5.69
C ASP A 19 4.60 -10.97 -5.48
N ALA A 20 3.85 -11.74 -6.26
CA ALA A 20 4.04 -13.20 -6.37
C ALA A 20 3.73 -13.58 -7.82
N LYS A 21 4.68 -14.23 -8.49
CA LYS A 21 4.51 -14.65 -9.91
C LYS A 21 3.16 -15.36 -10.18
N GLN A 22 2.81 -16.30 -9.31
CA GLN A 22 1.63 -17.09 -9.53
C GLN A 22 0.38 -16.21 -9.53
N CYS A 23 0.38 -15.14 -8.71
CA CYS A 23 -0.79 -14.24 -8.66
C CYS A 23 -0.84 -13.31 -9.87
N SER A 24 0.32 -12.86 -10.34
CA SER A 24 0.37 -12.14 -11.60
C SER A 24 -0.22 -13.01 -12.70
N LYS A 25 0.11 -14.30 -12.70
CA LYS A 25 -0.36 -15.23 -13.72
C LYS A 25 -1.86 -15.38 -13.68
N ILE A 26 -2.37 -15.53 -12.46
CA ILE A 26 -3.81 -15.63 -12.19
C ILE A 26 -4.55 -14.37 -12.66
N GLY A 27 -3.97 -13.20 -12.38
CA GLY A 27 -4.50 -11.95 -12.93
C GLY A 27 -4.54 -11.93 -14.47
N ARG A 28 -3.41 -12.29 -15.09
CA ARG A 28 -3.26 -12.41 -16.54
C ARG A 28 -4.29 -13.38 -17.15
N ASP A 29 -4.44 -14.56 -16.59
CA ASP A 29 -5.43 -15.53 -17.10
C ASP A 29 -6.85 -15.00 -17.09
N ALA A 30 -7.19 -14.25 -16.04
CA ALA A 30 -8.47 -13.59 -15.97
C ALA A 30 -8.66 -12.62 -17.14
N LEU A 31 -7.63 -11.82 -17.44
CA LEU A 31 -7.71 -10.86 -18.55
C LEU A 31 -7.93 -11.63 -19.85
N ARG A 32 -7.11 -12.67 -20.01
CA ARG A 32 -7.15 -13.55 -21.17
C ARG A 32 -8.53 -14.17 -21.36
N ASP A 33 -9.18 -14.56 -20.25
CA ASP A 33 -10.51 -15.14 -20.33
C ASP A 33 -11.56 -14.06 -20.50
N GLY A 34 -11.16 -12.83 -20.81
CA GLY A 34 -12.11 -11.72 -21.01
C GLY A 34 -12.46 -10.80 -19.82
N GLY A 35 -11.86 -11.01 -18.65
CA GLY A 35 -12.13 -10.12 -17.51
C GLY A 35 -11.72 -8.66 -17.69
N SER A 36 -12.36 -7.76 -16.96
CA SER A 36 -11.88 -6.38 -16.93
C SER A 36 -10.57 -6.26 -16.13
N ALA A 37 -9.99 -5.05 -16.14
CA ALA A 37 -8.83 -4.80 -15.32
C ALA A 37 -9.18 -5.07 -13.83
N VAL A 38 -10.42 -4.76 -13.45
CA VAL A 38 -10.93 -5.02 -12.10
C VAL A 38 -11.03 -6.51 -11.75
N ASP A 39 -11.60 -7.31 -12.67
CA ASP A 39 -11.64 -8.77 -12.51
C ASP A 39 -10.25 -9.30 -12.21
N ALA A 40 -9.29 -8.91 -13.05
CA ALA A 40 -7.92 -9.39 -12.93
C ALA A 40 -7.34 -8.99 -11.57
N ALA A 41 -7.56 -7.72 -11.17
CA ALA A 41 -7.05 -7.23 -9.89
C ALA A 41 -7.61 -8.04 -8.76
N ILE A 42 -8.92 -8.32 -8.80
CA ILE A 42 -9.54 -9.07 -7.71
C ILE A 42 -9.01 -10.51 -7.66
N ALA A 43 -8.97 -11.19 -8.81
CA ALA A 43 -8.43 -12.54 -8.84
C ALA A 43 -6.98 -12.57 -8.28
N ALA A 44 -6.15 -11.64 -8.74
CA ALA A 44 -4.76 -11.54 -8.25
C ALA A 44 -4.69 -11.21 -6.74
N LEU A 45 -5.51 -10.26 -6.32
CA LEU A 45 -5.58 -9.89 -4.88
C LEU A 45 -5.95 -11.08 -4.00
N LEU A 46 -6.91 -11.90 -4.48
CA LEU A 46 -7.31 -13.07 -3.70
C LEU A 46 -6.15 -14.04 -3.56
N CYS A 47 -5.36 -14.12 -4.62
CA CYS A 47 -4.19 -15.00 -4.63
C CYS A 47 -3.08 -14.46 -3.73
N VAL A 48 -2.86 -13.14 -3.80
CA VAL A 48 -1.86 -12.52 -2.90
C VAL A 48 -2.21 -12.72 -1.43
N GLY A 49 -3.51 -12.70 -1.11
CA GLY A 49 -3.95 -12.97 0.25
C GLY A 49 -3.48 -14.33 0.76
N LEU A 50 -3.15 -15.25 -0.17
CA LEU A 50 -2.65 -16.58 0.20
C LEU A 50 -1.14 -16.64 0.18
N MET A 51 -0.54 -16.36 -0.98
CA MET A 51 0.92 -16.46 -1.13
C MET A 51 1.71 -15.45 -0.29
N ASN A 52 1.15 -14.26 -0.09
CA ASN A 52 1.73 -13.30 0.86
C ASN A 52 0.76 -12.97 2.00
N ALA A 53 0.41 -14.01 2.73
CA ALA A 53 -0.69 -13.93 3.70
C ALA A 53 -0.30 -13.00 4.85
N HIS A 54 1.00 -12.72 4.98
CA HIS A 54 1.44 -11.84 6.04
C HIS A 54 1.12 -10.37 5.76
N SER A 55 0.85 -10.05 4.49
CA SER A 55 0.79 -8.70 3.94
C SER A 55 -0.61 -8.11 3.80
N MET A 56 -1.57 -8.95 3.39
CA MET A 56 -2.91 -8.51 3.00
C MET A 56 -3.83 -9.71 2.90
N GLY A 57 -5.12 -9.43 2.77
CA GLY A 57 -6.10 -10.48 2.53
C GLY A 57 -7.47 -10.07 3.03
N ILE A 58 -8.39 -11.02 3.06
CA ILE A 58 -9.79 -10.72 3.38
C ILE A 58 -10.04 -10.27 4.84
N GLY A 59 -9.03 -10.40 5.69
CA GLY A 59 -9.08 -9.83 7.04
C GLY A 59 -8.63 -8.38 7.16
N GLY A 60 -8.34 -7.74 6.02
CA GLY A 60 -7.82 -6.36 6.03
C GLY A 60 -8.67 -5.41 5.22
N GLY A 61 -8.04 -4.43 4.58
CA GLY A 61 -8.76 -3.45 3.78
C GLY A 61 -7.89 -2.95 2.66
N LEU A 62 -8.51 -2.29 1.68
CA LEU A 62 -7.77 -1.80 0.51
C LEU A 62 -8.39 -0.58 -0.13
N PHE A 63 -7.60 0.09 -0.95
CA PHE A 63 -8.09 1.09 -1.85
C PHE A 63 -7.78 0.62 -3.27
N LEU A 64 -8.65 0.96 -4.20
CA LEU A 64 -8.39 0.75 -5.61
C LEU A 64 -8.56 2.06 -6.36
N THR A 65 -7.52 2.40 -7.12
CA THR A 65 -7.56 3.51 -8.06
C THR A 65 -7.83 2.85 -9.43
N ILE A 66 -8.88 3.30 -10.09
CA ILE A 66 -9.35 2.64 -11.31
C ILE A 66 -9.47 3.69 -12.41
N TYR A 67 -8.89 3.39 -13.58
CA TYR A 67 -8.98 4.29 -14.73
C TYR A 67 -9.64 3.58 -15.93
N ASN A 68 -10.63 4.24 -16.50
CA ASN A 68 -11.35 3.74 -17.67
C ASN A 68 -10.96 4.50 -18.92
N SER A 69 -10.21 3.88 -19.81
CA SER A 69 -9.66 4.57 -21.00
C SER A 69 -10.73 4.95 -22.03
N THR A 70 -11.93 4.39 -21.91
CA THR A 70 -13.08 4.76 -22.75
C THR A 70 -13.74 6.03 -22.26
N THR A 71 -14.23 6.02 -21.01
CA THR A 71 -14.80 7.24 -20.44
C THR A 71 -13.72 8.27 -20.14
N ARG A 72 -12.47 7.82 -20.11
CA ARG A 72 -11.33 8.57 -19.59
C ARG A 72 -11.57 9.15 -18.19
N LYS A 73 -12.26 8.41 -17.35
CA LYS A 73 -12.50 8.85 -15.99
C LYS A 73 -11.75 7.92 -15.06
N ALA A 74 -11.30 8.49 -13.94
CA ALA A 74 -10.67 7.73 -12.89
C ALA A 74 -11.58 7.74 -11.72
N GLU A 75 -11.58 6.66 -10.96
CA GLU A 75 -12.32 6.67 -9.71
C GLU A 75 -11.51 5.95 -8.64
N VAL A 76 -11.92 6.12 -7.39
CA VAL A 76 -11.28 5.42 -6.30
C VAL A 76 -12.34 4.64 -5.54
N ILE A 77 -11.98 3.43 -5.12
CA ILE A 77 -12.84 2.73 -4.18
C ILE A 77 -12.14 2.59 -2.84
N ASN A 78 -12.75 3.23 -1.85
CA ASN A 78 -12.26 3.21 -0.48
C ASN A 78 -12.85 2.00 0.24
N ALA A 79 -11.99 1.03 0.56
CA ALA A 79 -12.42 -0.13 1.33
C ALA A 79 -11.45 -0.42 2.44
N ARG A 80 -10.92 0.64 3.03
CA ARG A 80 -10.08 0.52 4.20
C ARG A 80 -10.96 0.23 5.42
N GLU A 81 -10.40 -0.49 6.38
CA GLU A 81 -11.07 -0.83 7.60
C GLU A 81 -11.49 0.42 8.39
N VAL A 82 -12.56 0.29 9.20
CA VAL A 82 -13.00 1.36 10.13
C VAL A 82 -12.92 0.90 11.59
N ALA A 83 -12.73 1.84 12.50
CA ALA A 83 -12.83 1.53 13.91
C ALA A 83 -14.25 1.07 14.18
N PRO A 84 -14.39 0.02 14.99
CA PRO A 84 -15.68 -0.53 15.38
C PRO A 84 -16.48 0.50 16.17
N ARG A 85 -17.81 0.33 16.22
CA ARG A 85 -18.70 1.28 16.88
C ARG A 85 -18.38 1.43 18.36
N LEU A 86 -17.77 0.42 18.99
CA LEU A 86 -17.48 0.50 20.42
C LEU A 86 -16.09 1.09 20.72
N ALA A 87 -15.34 1.44 19.68
CA ALA A 87 -13.98 1.95 19.86
C ALA A 87 -14.01 3.39 20.39
N PHE A 88 -12.95 3.80 21.09
CA PHE A 88 -12.81 5.19 21.58
C PHE A 88 -11.34 5.64 21.65
N ALA A 89 -11.16 6.96 21.75
CA ALA A 89 -9.84 7.56 21.62
C ALA A 89 -8.80 6.97 22.56
N THR A 90 -9.18 6.63 23.79
CA THR A 90 -8.19 6.19 24.80
C THR A 90 -8.24 4.69 25.07
N MET A 91 -8.70 3.95 24.08
CA MET A 91 -8.89 2.53 24.27
C MET A 91 -7.60 1.74 24.47
N PHE A 92 -6.45 2.31 24.04
CA PHE A 92 -5.14 1.63 24.15
C PHE A 92 -4.22 2.42 25.05
N ASN A 93 -3.41 1.70 25.84
CA ASN A 93 -2.39 2.35 26.68
C ASN A 93 -0.96 1.98 26.40
N SER A 94 -0.75 0.99 25.54
CA SER A 94 0.59 0.57 25.13
C SER A 94 0.54 0.16 23.65
N SER A 95 1.69 0.23 22.98
CA SER A 95 1.80 -0.24 21.58
C SER A 95 1.37 -1.66 21.41
N GLU A 96 1.76 -2.51 22.36
CA GLU A 96 1.39 -3.91 22.43
C GLU A 96 -0.14 -4.11 22.34
N GLN A 97 -0.91 -3.36 23.13
CA GLN A 97 -2.38 -3.41 23.08
C GLN A 97 -2.91 -3.02 21.68
N SER A 98 -2.26 -2.06 21.01
CA SER A 98 -2.78 -1.62 19.71
C SER A 98 -2.25 -2.45 18.51
N GLN A 99 -1.37 -3.43 18.80
CA GLN A 99 -0.68 -4.22 17.77
C GLN A 99 -0.99 -5.70 17.75
N LYS A 100 -1.38 -6.22 18.90
CA LYS A 100 -1.54 -7.64 19.08
C LYS A 100 -2.95 -7.90 19.69
N GLY A 101 -3.66 -8.92 19.20
CA GLY A 101 -4.92 -9.39 19.81
C GLY A 101 -6.15 -8.80 19.16
N GLY A 102 -7.34 -9.20 19.65
CA GLY A 102 -8.59 -8.82 18.99
C GLY A 102 -8.89 -7.33 19.02
N LEU A 103 -8.40 -6.67 20.07
CA LEU A 103 -8.65 -5.24 20.25
C LEU A 103 -7.95 -4.41 19.17
N SER A 104 -6.88 -4.95 18.59
CA SER A 104 -6.17 -4.28 17.51
C SER A 104 -6.88 -4.39 16.15
N VAL A 105 -7.97 -5.18 16.08
CA VAL A 105 -8.58 -5.47 14.80
C VAL A 105 -9.56 -4.36 14.45
N ALA A 106 -9.42 -3.76 13.26
CA ALA A 106 -10.45 -2.88 12.73
C ALA A 106 -11.39 -3.69 11.84
N VAL A 107 -12.54 -3.10 11.49
CA VAL A 107 -13.56 -3.79 10.69
C VAL A 107 -13.08 -4.00 9.25
N PRO A 108 -12.94 -5.27 8.81
CA PRO A 108 -12.35 -5.54 7.49
C PRO A 108 -13.21 -5.01 6.34
N GLY A 109 -12.63 -4.30 5.38
CA GLY A 109 -13.38 -3.76 4.25
C GLY A 109 -13.15 -4.56 2.97
N GLU A 110 -12.22 -5.51 2.99
CA GLU A 110 -11.69 -6.04 1.75
C GLU A 110 -12.75 -6.58 0.81
N ILE A 111 -13.57 -7.48 1.34
CA ILE A 111 -14.56 -8.16 0.50
C ILE A 111 -15.62 -7.18 -0.07
N ARG A 112 -16.07 -6.22 0.75
N ARG A 112 -16.07 -6.21 0.73
CA ARG A 112 -17.00 -5.18 0.29
CA ARG A 112 -17.04 -5.22 0.21
C ARG A 112 -16.36 -4.42 -0.85
C ARG A 112 -16.40 -4.25 -0.77
N GLY A 113 -15.08 -4.10 -0.69
CA GLY A 113 -14.32 -3.39 -1.72
C GLY A 113 -14.26 -4.19 -3.01
N TYR A 114 -13.90 -5.46 -2.94
CA TYR A 114 -13.93 -6.27 -4.17
C TYR A 114 -15.33 -6.26 -4.80
N GLU A 115 -16.37 -6.40 -3.95
CA GLU A 115 -17.74 -6.46 -4.44
C GLU A 115 -18.17 -5.15 -5.12
N LEU A 116 -17.86 -4.01 -4.49
CA LEU A 116 -18.19 -2.73 -5.13
C LEU A 116 -17.47 -2.56 -6.47
N ALA A 117 -16.16 -2.86 -6.50
CA ALA A 117 -15.37 -2.74 -7.74
C ALA A 117 -15.96 -3.68 -8.80
N HIS A 118 -16.25 -4.90 -8.38
CA HIS A 118 -16.83 -5.85 -9.30
C HIS A 118 -18.24 -5.50 -9.80
N GLN A 119 -19.11 -4.96 -8.94
CA GLN A 119 -20.44 -4.52 -9.40
C GLN A 119 -20.30 -3.44 -10.47
N ARG A 120 -19.32 -2.57 -10.33
CA ARG A 120 -19.18 -1.42 -11.23
C ARG A 120 -18.43 -1.73 -12.49
N HIS A 121 -17.50 -2.70 -12.44
CA HIS A 121 -16.57 -2.94 -13.55
C HIS A 121 -16.30 -4.40 -13.89
N GLY A 122 -16.98 -5.33 -13.23
CA GLY A 122 -16.70 -6.76 -13.43
C GLY A 122 -17.19 -7.23 -14.78
N ARG A 123 -16.48 -8.16 -15.43
CA ARG A 123 -17.01 -8.82 -16.62
C ARG A 123 -17.13 -10.34 -16.43
N LEU A 124 -16.22 -10.96 -15.68
CA LEU A 124 -16.34 -12.36 -15.29
C LEU A 124 -17.30 -12.52 -14.12
N PRO A 125 -17.85 -13.74 -13.95
CA PRO A 125 -18.68 -13.98 -12.78
C PRO A 125 -17.82 -13.92 -11.53
N TRP A 126 -18.44 -13.49 -10.43
CA TRP A 126 -17.79 -13.39 -9.12
C TRP A 126 -17.03 -14.67 -8.73
N ALA A 127 -17.69 -15.82 -8.90
CA ALA A 127 -17.11 -17.10 -8.44
C ALA A 127 -15.83 -17.45 -9.21
N ARG A 128 -15.77 -17.02 -10.47
CA ARG A 128 -14.63 -17.25 -11.31
C ARG A 128 -13.37 -16.54 -10.76
N LEU A 129 -13.56 -15.44 -10.04
CA LEU A 129 -12.40 -14.71 -9.52
C LEU A 129 -11.72 -15.46 -8.37
N PHE A 130 -12.47 -16.36 -7.73
CA PHE A 130 -12.02 -17.10 -6.56
C PHE A 130 -11.45 -18.45 -6.95
N GLN A 131 -11.97 -19.05 -8.00
CA GLN A 131 -11.65 -20.40 -8.42
C GLN A 131 -10.17 -20.77 -8.35
N PRO A 132 -9.32 -20.04 -9.06
CA PRO A 132 -7.88 -20.35 -9.03
C PRO A 132 -7.29 -20.30 -7.61
N SER A 133 -7.77 -19.41 -6.74
CA SER A 133 -7.18 -19.30 -5.40
C SER A 133 -7.66 -20.40 -4.49
N ILE A 134 -8.92 -20.82 -4.69
CA ILE A 134 -9.46 -21.98 -3.97
C ILE A 134 -8.57 -23.21 -4.24
N GLN A 135 -8.23 -23.43 -5.50
CA GLN A 135 -7.30 -24.54 -5.84
C GLN A 135 -5.93 -24.39 -5.20
N LEU A 136 -5.36 -23.18 -5.31
CA LEU A 136 -4.05 -22.90 -4.77
C LEU A 136 -3.99 -23.20 -3.27
N ALA A 137 -5.02 -22.77 -2.53
CA ALA A 137 -4.99 -22.94 -1.08
C ALA A 137 -5.19 -24.40 -0.67
N ARG A 138 -5.95 -25.17 -1.45
CA ARG A 138 -6.14 -26.59 -1.14
C ARG A 138 -4.91 -27.40 -1.48
N GLN A 139 -4.34 -27.12 -2.65
CA GLN A 139 -3.17 -27.85 -3.14
C GLN A 139 -1.87 -27.49 -2.40
N GLY A 140 -1.75 -26.25 -1.97
CA GLY A 140 -0.56 -25.79 -1.26
C GLY A 140 0.36 -25.18 -2.29
N PHE A 141 1.44 -24.54 -1.84
CA PHE A 141 2.37 -23.91 -2.77
C PHE A 141 3.67 -23.76 -2.00
N PRO A 142 4.80 -23.72 -2.71
CA PRO A 142 6.06 -23.40 -2.04
C PRO A 142 6.06 -21.99 -1.45
N VAL A 143 6.52 -21.86 -0.20
CA VAL A 143 6.67 -20.54 0.44
C VAL A 143 7.67 -19.70 -0.37
N GLY A 144 7.26 -18.53 -0.83
CA GLY A 144 8.16 -17.63 -1.55
C GLY A 144 9.12 -16.82 -0.70
N LYS A 145 9.92 -15.97 -1.34
CA LYS A 145 10.95 -15.23 -0.63
C LYS A 145 10.37 -14.28 0.41
N GLY A 146 9.42 -13.44 -0.02
CA GLY A 146 8.83 -12.45 0.88
C GLY A 146 8.24 -13.06 2.14
N LEU A 147 7.43 -14.08 1.95
CA LEU A 147 6.74 -14.71 3.05
C LEU A 147 7.72 -15.42 3.98
N ALA A 148 8.72 -16.08 3.42
CA ALA A 148 9.70 -16.79 4.23
C ALA A 148 10.48 -15.83 5.14
N ALA A 149 10.81 -14.64 4.61
CA ALA A 149 11.49 -13.65 5.41
C ALA A 149 10.54 -13.12 6.46
N ALA A 150 9.26 -12.97 6.12
CA ALA A 150 8.30 -12.52 7.14
C ALA A 150 8.14 -13.59 8.24
N LEU A 151 8.11 -14.86 7.83
CA LEU A 151 7.98 -15.96 8.79
C LEU A 151 9.16 -15.97 9.76
N GLU A 152 10.35 -15.76 9.20
CA GLU A 152 11.59 -15.69 9.94
C GLU A 152 11.54 -14.51 10.91
N ASN A 153 11.24 -13.32 10.37
CA ASN A 153 11.13 -12.12 11.18
C ASN A 153 10.20 -12.31 12.37
N LYS A 154 9.14 -13.11 12.20
CA LYS A 154 8.13 -13.27 13.26
C LYS A 154 8.10 -14.68 13.85
N ARG A 155 9.22 -15.38 13.72
CA ARG A 155 9.34 -16.76 14.16
C ARG A 155 8.76 -17.02 15.55
N THR A 156 9.17 -16.21 16.51
CA THR A 156 8.78 -16.41 17.91
C THR A 156 7.28 -16.39 18.10
N VAL A 157 6.63 -15.32 17.64
CA VAL A 157 5.19 -15.20 17.91
C VAL A 157 4.46 -16.33 17.20
N ILE A 158 4.89 -16.69 16.00
CA ILE A 158 4.21 -17.72 15.24
C ILE A 158 4.35 -19.07 15.93
N GLU A 159 5.58 -19.41 16.30
CA GLU A 159 5.79 -20.70 16.91
C GLU A 159 5.11 -20.81 18.25
N GLN A 160 4.91 -19.69 18.95
CA GLN A 160 4.29 -19.75 20.27
C GLN A 160 2.74 -19.71 20.22
N GLN A 161 2.18 -19.49 19.04
CA GLN A 161 0.75 -19.33 18.90
C GLN A 161 0.15 -20.48 18.04
N PRO A 162 -0.40 -21.50 18.72
CA PRO A 162 -0.85 -22.76 18.09
C PRO A 162 -1.71 -22.56 16.84
N VAL A 163 -2.63 -21.61 16.89
CA VAL A 163 -3.50 -21.34 15.74
C VAL A 163 -2.76 -20.79 14.49
N LEU A 164 -1.67 -20.05 14.67
CA LEU A 164 -0.87 -19.63 13.51
C LEU A 164 0.06 -20.76 13.09
N CYS A 165 0.62 -21.45 14.07
CA CYS A 165 1.59 -22.50 13.81
C CYS A 165 0.93 -23.65 13.05
N GLU A 166 -0.33 -23.86 13.38
CA GLU A 166 -1.24 -24.76 12.68
C GLU A 166 -1.05 -24.76 11.16
N VAL A 167 -0.89 -23.58 10.56
CA VAL A 167 -0.69 -23.48 9.12
C VAL A 167 0.71 -22.97 8.74
N PHE A 168 1.31 -22.17 9.61
CA PHE A 168 2.58 -21.56 9.23
C PHE A 168 3.83 -22.28 9.69
N CYS A 169 3.67 -23.41 10.37
CA CYS A 169 4.80 -24.25 10.78
C CYS A 169 4.84 -25.62 10.13
N ARG A 170 6.01 -26.25 10.20
CA ARG A 170 6.21 -27.64 9.83
C ARG A 170 7.04 -28.19 10.97
N ASP A 171 6.46 -29.13 11.72
CA ASP A 171 7.13 -29.74 12.88
C ASP A 171 7.42 -28.66 13.90
N ARG A 172 6.41 -27.82 14.12
CA ARG A 172 6.49 -26.72 15.09
C ARG A 172 7.64 -25.72 14.87
N LYS A 173 8.09 -25.53 13.63
CA LYS A 173 9.00 -24.43 13.33
C LYS A 173 8.54 -23.76 12.05
N VAL A 174 8.68 -22.43 11.95
CA VAL A 174 8.14 -21.72 10.79
C VAL A 174 8.61 -22.32 9.45
N LEU A 175 7.70 -22.36 8.48
CA LEU A 175 8.03 -22.84 7.16
C LEU A 175 9.16 -22.00 6.62
N ARG A 176 9.97 -22.59 5.74
CA ARG A 176 11.04 -21.87 5.10
C ARG A 176 10.78 -21.82 3.63
N GLU A 177 11.53 -20.96 2.95
CA GLU A 177 11.39 -20.79 1.52
C GLU A 177 11.44 -22.14 0.84
N GLY A 178 10.68 -22.31 -0.23
CA GLY A 178 10.55 -23.61 -0.87
C GLY A 178 9.59 -24.60 -0.21
N GLU A 179 9.42 -24.57 1.11
CA GLU A 179 8.52 -25.53 1.77
C GLU A 179 7.04 -25.28 1.43
N ARG A 180 6.22 -26.31 1.53
CA ARG A 180 4.85 -26.21 1.08
C ARG A 180 3.92 -25.57 2.13
N LEU A 181 3.21 -24.52 1.73
CA LEU A 181 2.22 -23.92 2.62
C LEU A 181 0.84 -24.30 2.10
N THR A 182 0.04 -24.89 2.98
N THR A 182 0.03 -24.85 2.99
CA THR A 182 -1.36 -25.18 2.63
CA THR A 182 -1.35 -25.17 2.66
C THR A 182 -2.31 -24.40 3.56
C THR A 182 -2.30 -24.38 3.57
N LEU A 183 -3.36 -23.84 2.97
CA LEU A 183 -4.34 -23.01 3.70
C LEU A 183 -5.74 -23.62 3.57
N PRO A 184 -6.01 -24.76 4.25
CA PRO A 184 -7.26 -25.48 3.98
C PRO A 184 -8.51 -24.76 4.44
N GLN A 185 -8.44 -24.08 5.59
CA GLN A 185 -9.60 -23.32 6.09
C GLN A 185 -9.99 -22.13 5.15
N LEU A 186 -8.99 -21.36 4.76
CA LEU A 186 -9.21 -20.24 3.83
C LEU A 186 -9.79 -20.72 2.51
N ALA A 187 -9.34 -21.88 2.04
CA ALA A 187 -9.93 -22.44 0.83
C ALA A 187 -11.43 -22.56 0.98
N ASP A 188 -11.85 -23.20 2.08
CA ASP A 188 -13.29 -23.33 2.37
C ASP A 188 -13.98 -21.97 2.46
N THR A 189 -13.33 -20.99 3.10
CA THR A 189 -13.92 -19.64 3.26
C THR A 189 -14.05 -18.94 1.90
N TYR A 190 -13.00 -19.02 1.07
CA TYR A 190 -13.02 -18.48 -0.27
C TYR A 190 -14.13 -19.11 -1.09
N GLU A 191 -14.30 -20.43 -0.97
CA GLU A 191 -15.40 -21.11 -1.65
C GLU A 191 -16.79 -20.57 -1.23
N THR A 192 -17.02 -20.50 0.07
CA THR A 192 -18.24 -19.85 0.58
C THR A 192 -18.43 -18.47 -0.02
N LEU A 193 -17.36 -17.67 -0.07
CA LEU A 193 -17.50 -16.31 -0.61
C LEU A 193 -17.86 -16.32 -2.08
N ALA A 194 -17.28 -17.28 -2.80
CA ALA A 194 -17.46 -17.41 -4.25
C ALA A 194 -18.92 -17.74 -4.51
N ILE A 195 -19.48 -18.60 -3.66
CA ILE A 195 -20.83 -19.12 -3.87
C ILE A 195 -21.90 -18.23 -3.26
N GLU A 196 -21.76 -17.84 -2.00
CA GLU A 196 -22.75 -16.99 -1.35
C GLU A 196 -22.58 -15.50 -1.62
N GLY A 197 -21.44 -15.08 -2.16
CA GLY A 197 -21.21 -13.65 -2.34
C GLY A 197 -20.65 -12.94 -1.11
N ALA A 198 -20.38 -11.65 -1.28
CA ALA A 198 -19.88 -10.78 -0.21
C ALA A 198 -20.73 -10.84 1.08
N GLN A 199 -22.05 -10.93 0.90
CA GLN A 199 -22.99 -11.01 2.01
C GLN A 199 -22.60 -12.04 3.08
N ALA A 200 -21.96 -13.13 2.66
CA ALA A 200 -21.64 -14.19 3.60
C ALA A 200 -20.72 -13.68 4.70
N PHE A 201 -19.79 -12.79 4.34
CA PHE A 201 -18.84 -12.19 5.28
C PHE A 201 -19.59 -11.17 6.14
N TYR A 202 -20.36 -10.26 5.51
CA TYR A 202 -20.82 -9.12 6.29
C TYR A 202 -22.18 -9.31 6.95
N ASN A 203 -22.96 -10.26 6.45
CA ASN A 203 -24.31 -10.40 6.91
C ASN A 203 -24.92 -11.72 6.45
N GLY A 204 -24.32 -12.82 6.87
CA GLY A 204 -24.56 -14.13 6.26
C GLY A 204 -23.80 -15.16 7.05
N SER A 205 -23.40 -16.24 6.36
CA SER A 205 -22.98 -17.45 7.03
C SER A 205 -21.61 -17.37 7.73
N LEU A 206 -20.77 -16.38 7.38
CA LEU A 206 -19.49 -16.24 8.09
C LEU A 206 -19.51 -15.28 9.30
N THR A 207 -20.50 -14.40 9.31
CA THR A 207 -20.51 -13.23 10.19
C THR A 207 -20.34 -13.57 11.66
N ALA A 208 -21.15 -14.49 12.19
CA ALA A 208 -21.13 -14.79 13.63
C ALA A 208 -19.80 -15.36 14.08
N GLN A 209 -19.19 -16.17 13.21
CA GLN A 209 -17.90 -16.79 13.50
C GLN A 209 -16.78 -15.74 13.58
N ILE A 210 -16.86 -14.80 12.64
CA ILE A 210 -15.91 -13.68 12.59
C ILE A 210 -15.96 -12.93 13.92
N VAL A 211 -17.18 -12.59 14.35
CA VAL A 211 -17.39 -11.82 15.56
C VAL A 211 -16.85 -12.64 16.75
N LYS A 212 -17.17 -13.92 16.76
CA LYS A 212 -16.70 -14.77 17.85
C LYS A 212 -15.18 -14.90 17.94
N ASP A 213 -14.51 -14.98 16.78
CA ASP A 213 -13.04 -15.07 16.76
C ASP A 213 -12.38 -13.79 17.28
N ILE A 214 -12.86 -12.65 16.77
CA ILE A 214 -12.33 -11.34 17.19
C ILE A 214 -12.55 -11.13 18.70
N GLN A 215 -13.74 -11.48 19.20
CA GLN A 215 -14.05 -11.19 20.59
C GLN A 215 -13.37 -12.19 21.47
N ALA A 216 -13.24 -13.43 21.00
CA ALA A 216 -12.52 -14.42 21.81
C ALA A 216 -11.08 -13.95 21.99
N ALA A 217 -10.60 -13.14 21.06
CA ALA A 217 -9.22 -12.68 21.16
C ALA A 217 -9.13 -11.36 21.91
N GLY A 218 -10.26 -10.97 22.53
CA GLY A 218 -10.32 -9.77 23.36
C GLY A 218 -10.76 -8.52 22.60
N GLY A 219 -11.32 -8.70 21.41
CA GLY A 219 -11.78 -7.58 20.61
C GLY A 219 -13.19 -7.14 20.91
N ILE A 220 -13.69 -6.20 20.11
CA ILE A 220 -14.96 -5.57 20.40
C ILE A 220 -15.81 -5.37 19.16
N VAL A 221 -15.34 -5.89 18.04
CA VAL A 221 -16.13 -5.96 16.79
C VAL A 221 -17.43 -6.77 17.02
N THR A 222 -18.54 -6.30 16.45
CA THR A 222 -19.86 -6.94 16.66
C THR A 222 -20.49 -7.16 15.30
N ALA A 223 -21.58 -7.93 15.25
CA ALA A 223 -22.26 -8.25 13.99
C ALA A 223 -22.70 -6.96 13.33
N GLU A 224 -23.18 -6.02 14.14
CA GLU A 224 -23.64 -4.71 13.64
C GLU A 224 -22.55 -4.04 12.83
N ASP A 225 -21.33 -4.05 13.37
CA ASP A 225 -20.15 -3.44 12.71
C ASP A 225 -19.99 -3.98 11.29
N LEU A 226 -20.08 -5.31 11.19
CA LEU A 226 -19.99 -6.00 9.89
C LEU A 226 -21.21 -5.67 9.03
N ASN A 227 -22.43 -5.77 9.60
CA ASN A 227 -23.63 -5.43 8.86
C ASN A 227 -23.52 -4.04 8.27
N ASN A 228 -22.95 -3.12 9.03
CA ASN A 228 -22.94 -1.72 8.62
C ASN A 228 -21.75 -1.28 7.73
N TYR A 229 -20.70 -2.09 7.63
CA TYR A 229 -19.57 -1.67 6.78
C TYR A 229 -20.00 -1.31 5.35
N ARG A 230 -19.54 -0.18 4.82
CA ARG A 230 -19.79 0.12 3.42
C ARG A 230 -18.50 0.53 2.71
N ALA A 231 -18.20 -0.10 1.57
CA ALA A 231 -17.14 0.37 0.70
C ALA A 231 -17.65 1.64 0.04
N GLU A 232 -16.76 2.58 -0.24
CA GLU A 232 -17.21 3.87 -0.77
C GLU A 232 -16.61 4.22 -2.13
N LEU A 233 -17.45 4.66 -3.05
CA LEU A 233 -17.02 5.16 -4.36
C LEU A 233 -16.65 6.62 -4.25
N ILE A 234 -15.45 6.94 -4.69
CA ILE A 234 -14.97 8.30 -4.76
C ILE A 234 -14.83 8.64 -6.24
N GLU A 235 -15.76 9.47 -6.73
CA GLU A 235 -15.84 9.85 -8.15
C GLU A 235 -14.72 10.79 -8.55
N HIS A 236 -14.32 11.68 -7.64
CA HIS A 236 -13.27 12.66 -7.93
C HIS A 236 -12.08 12.38 -7.03
N PRO A 237 -11.20 11.47 -7.45
CA PRO A 237 -10.01 11.22 -6.66
C PRO A 237 -9.08 12.41 -6.80
N LEU A 238 -8.07 12.46 -5.95
CA LEU A 238 -7.06 13.48 -6.07
C LEU A 238 -6.39 13.36 -7.43
N ASN A 239 -5.99 14.48 -7.98
CA ASN A 239 -5.04 14.40 -9.06
C ASN A 239 -4.05 15.54 -8.98
N ILE A 240 -2.93 15.41 -9.67
CA ILE A 240 -2.08 16.54 -9.93
C ILE A 240 -1.64 16.46 -11.37
N SER A 241 -1.25 17.62 -11.87
CA SER A 241 -0.85 17.78 -13.22
C SER A 241 0.66 17.70 -13.18
N LEU A 242 1.25 16.89 -14.03
CA LEU A 242 2.69 16.78 -14.08
C LEU A 242 3.08 16.79 -15.54
N GLY A 243 3.66 17.91 -16.00
CA GLY A 243 3.94 18.06 -17.44
C GLY A 243 2.64 17.86 -18.20
N ASP A 244 2.64 16.96 -19.18
CA ASP A 244 1.44 16.64 -19.95
CA ASP A 244 1.43 16.65 -19.94
C ASP A 244 0.64 15.46 -19.40
N ALA A 245 0.91 15.07 -18.16
CA ALA A 245 0.21 13.93 -17.57
C ALA A 245 -0.59 14.38 -16.37
N VAL A 246 -1.60 13.60 -16.02
CA VAL A 246 -2.34 13.81 -14.77
C VAL A 246 -2.09 12.56 -13.92
N LEU A 247 -1.95 12.73 -12.62
CA LEU A 247 -1.78 11.60 -11.70
C LEU A 247 -2.97 11.53 -10.75
N TYR A 248 -3.68 10.41 -10.81
CA TYR A 248 -4.84 10.12 -9.96
C TYR A 248 -4.35 9.28 -8.82
N MET A 249 -4.77 9.61 -7.61
CA MET A 249 -4.32 8.92 -6.42
C MET A 249 -5.35 9.26 -5.35
N PRO A 250 -5.41 8.46 -4.26
CA PRO A 250 -6.46 8.73 -3.29
C PRO A 250 -6.12 9.90 -2.38
N SER A 251 -7.13 10.69 -2.02
CA SER A 251 -6.96 11.70 -0.97
C SER A 251 -6.98 11.12 0.45
N ALA A 252 -6.92 11.99 1.45
CA ALA A 252 -7.10 11.55 2.83
C ALA A 252 -8.36 10.66 2.89
N PRO A 253 -8.36 9.54 3.63
CA PRO A 253 -7.32 9.15 4.60
C PRO A 253 -6.05 8.49 4.06
N LEU A 254 -5.87 8.40 2.75
CA LEU A 254 -4.60 7.89 2.24
C LEU A 254 -3.61 9.02 2.00
N SER A 255 -2.43 8.71 1.42
CA SER A 255 -1.33 9.69 1.33
C SER A 255 -1.12 10.37 -0.01
N GLY A 256 -2.13 10.35 -0.86
CA GLY A 256 -2.14 11.18 -2.07
C GLY A 256 -1.65 12.60 -1.83
N PRO A 257 -2.19 13.31 -0.82
CA PRO A 257 -1.74 14.68 -0.62
C PRO A 257 -0.23 14.80 -0.38
N VAL A 258 0.33 13.82 0.34
CA VAL A 258 1.76 13.76 0.65
C VAL A 258 2.56 13.55 -0.63
N LEU A 259 2.14 12.60 -1.45
CA LEU A 259 2.81 12.30 -2.71
C LEU A 259 2.73 13.51 -3.61
N ALA A 260 1.54 14.12 -3.65
CA ALA A 260 1.33 15.28 -4.49
C ALA A 260 2.31 16.40 -4.09
N LEU A 261 2.48 16.63 -2.78
CA LEU A 261 3.31 17.75 -2.31
C LEU A 261 4.79 17.48 -2.64
N ILE A 262 5.20 16.21 -2.48
CA ILE A 262 6.58 15.80 -2.83
C ILE A 262 6.87 16.10 -4.30
N LEU A 263 5.99 15.66 -5.19
CA LEU A 263 6.24 15.80 -6.61
C LEU A 263 6.09 17.24 -7.06
N ASN A 264 5.16 17.97 -6.47
CA ASN A 264 5.01 19.36 -6.85
C ASN A 264 6.20 20.24 -6.41
N ILE A 265 6.79 19.91 -5.26
CA ILE A 265 7.97 20.60 -4.80
C ILE A 265 9.09 20.31 -5.80
N LEU A 266 9.25 19.04 -6.15
CA LEU A 266 10.38 18.62 -6.97
C LEU A 266 10.26 18.99 -8.44
N LYS A 267 9.02 19.16 -8.94
CA LYS A 267 8.86 19.47 -10.36
C LYS A 267 9.52 20.80 -10.72
N GLY A 268 9.49 21.80 -9.83
CA GLY A 268 10.14 23.09 -10.11
C GLY A 268 11.65 23.04 -10.34
N TYR A 269 12.31 21.95 -9.96
CA TYR A 269 13.72 21.76 -10.29
C TYR A 269 13.94 21.22 -11.71
N ASN A 270 12.86 20.81 -12.39
CA ASN A 270 12.93 20.14 -13.73
C ASN A 270 13.98 19.09 -13.87
N PHE A 271 13.95 18.08 -13.00
CA PHE A 271 14.87 16.95 -13.11
C PHE A 271 14.83 16.33 -14.51
N SER A 272 15.98 15.81 -14.93
CA SER A 272 16.08 15.06 -16.16
C SER A 272 17.22 14.07 -15.98
N ARG A 273 17.59 13.41 -17.08
CA ARG A 273 18.71 12.50 -17.13
C ARG A 273 19.99 13.21 -16.65
N GLU A 274 20.10 14.49 -16.96
CA GLU A 274 21.27 15.27 -16.55
C GLU A 274 21.42 15.37 -15.05
N SER A 275 20.29 15.34 -14.32
CA SER A 275 20.28 15.41 -12.83
C SER A 275 21.10 14.32 -12.14
N VAL A 276 21.33 13.22 -12.83
CA VAL A 276 22.06 12.11 -12.21
C VAL A 276 23.34 11.71 -12.97
N GLU A 277 23.68 12.47 -14.01
CA GLU A 277 24.87 12.22 -14.86
C GLU A 277 26.20 12.35 -14.14
N SER A 278 26.36 13.36 -13.30
CA SER A 278 27.63 13.50 -12.60
C SER A 278 27.40 13.32 -11.10
N PRO A 279 28.45 13.01 -10.33
CA PRO A 279 28.27 12.90 -8.88
C PRO A 279 27.84 14.22 -8.24
N GLU A 280 28.27 15.34 -8.79
CA GLU A 280 27.92 16.66 -8.25
C GLU A 280 26.45 16.90 -8.41
N GLN A 281 25.93 16.67 -9.63
CA GLN A 281 24.50 16.83 -9.89
C GLN A 281 23.66 15.80 -9.13
N LYS A 282 24.06 14.53 -9.21
CA LYS A 282 23.35 13.43 -8.55
C LYS A 282 23.15 13.71 -7.05
N GLY A 283 24.22 14.14 -6.38
CA GLY A 283 24.23 14.36 -4.94
C GLY A 283 23.29 15.48 -4.56
N LEU A 284 23.29 16.55 -5.36
CA LEU A 284 22.39 17.65 -5.10
C LEU A 284 20.93 17.22 -5.32
N THR A 285 20.70 16.55 -6.44
CA THR A 285 19.39 15.96 -6.74
C THR A 285 18.83 15.13 -5.58
N TYR A 286 19.59 14.14 -5.13
CA TYR A 286 19.13 13.36 -3.98
C TYR A 286 18.97 14.18 -2.73
N HIS A 287 19.86 15.15 -2.48
CA HIS A 287 19.67 16.00 -1.32
C HIS A 287 18.32 16.71 -1.43
N ARG A 288 18.03 17.24 -2.61
CA ARG A 288 16.78 17.93 -2.84
C ARG A 288 15.55 17.04 -2.64
N ILE A 289 15.65 15.80 -3.10
CA ILE A 289 14.58 14.84 -2.87
C ILE A 289 14.35 14.65 -1.38
N VAL A 290 15.44 14.53 -0.61
CA VAL A 290 15.25 14.25 0.82
C VAL A 290 14.58 15.46 1.52
N GLU A 291 15.00 16.65 1.10
CA GLU A 291 14.38 17.88 1.61
C GLU A 291 12.86 18.01 1.26
N ALA A 292 12.46 17.59 0.05
CA ALA A 292 11.03 17.53 -0.33
C ALA A 292 10.27 16.54 0.56
N PHE A 293 10.86 15.36 0.79
CA PHE A 293 10.31 14.40 1.77
C PHE A 293 10.00 15.09 3.11
N ARG A 294 10.95 15.85 3.62
CA ARG A 294 10.83 16.39 4.96
C ARG A 294 9.75 17.42 5.04
N PHE A 295 9.71 18.31 4.04
CA PHE A 295 8.64 19.29 3.95
C PHE A 295 7.27 18.61 3.80
N ALA A 296 7.18 17.55 3.00
CA ALA A 296 5.90 16.87 2.76
C ALA A 296 5.44 16.18 4.03
N TYR A 297 6.35 15.48 4.72
CA TYR A 297 5.97 14.80 5.96
C TYR A 297 5.67 15.73 7.13
N ALA A 298 6.13 16.97 7.06
CA ALA A 298 5.82 17.98 8.09
C ALA A 298 4.30 18.25 8.14
N LYS A 299 3.69 18.21 6.97
CA LYS A 299 2.30 18.56 6.79
C LYS A 299 1.37 17.35 6.96
N ARG A 300 1.91 16.15 6.71
CA ARG A 300 1.23 14.88 6.88
C ARG A 300 0.53 14.75 8.23
N THR A 301 1.14 15.27 9.31
CA THR A 301 0.57 15.08 10.66
C THR A 301 -0.78 15.77 10.85
N LEU A 302 -1.18 16.60 9.90
CA LEU A 302 -2.51 17.19 9.93
C LEU A 302 -3.61 16.34 9.27
N LEU A 303 -3.22 15.29 8.54
CA LEU A 303 -4.19 14.47 7.81
C LEU A 303 -4.94 13.47 8.68
N GLY A 304 -6.18 13.17 8.30
CA GLY A 304 -6.98 12.13 8.96
C GLY A 304 -8.20 11.88 8.12
N ASP A 305 -9.06 10.99 8.60
CA ASP A 305 -10.29 10.65 7.90
C ASP A 305 -11.09 11.93 7.70
N PRO A 306 -11.31 12.34 6.44
CA PRO A 306 -11.96 13.63 6.16
C PRO A 306 -13.42 13.69 6.60
N LYS A 307 -14.03 12.54 6.87
CA LYS A 307 -15.35 12.53 7.49
C LYS A 307 -15.32 12.89 8.95
N PHE A 308 -14.15 12.86 9.59
CA PHE A 308 -14.12 13.10 11.03
C PHE A 308 -13.29 14.32 11.36
N VAL A 309 -12.44 14.75 10.44
CA VAL A 309 -11.61 15.90 10.67
C VAL A 309 -11.64 16.72 9.40
N ASP A 310 -11.66 18.03 9.55
CA ASP A 310 -11.74 18.89 8.41
C ASP A 310 -10.33 19.07 7.84
N VAL A 311 -10.06 18.47 6.69
CA VAL A 311 -8.73 18.54 6.06
C VAL A 311 -8.76 19.31 4.76
N THR A 312 -9.87 20.01 4.50
N THR A 312 -9.86 20.04 4.51
CA THR A 312 -10.08 20.66 3.20
CA THR A 312 -10.10 20.67 3.22
C THR A 312 -8.95 21.61 2.81
C THR A 312 -9.00 21.63 2.80
N GLU A 313 -8.58 22.50 3.72
CA GLU A 313 -7.52 23.48 3.42
C GLU A 313 -6.12 22.91 3.50
N VAL A 314 -5.87 22.07 4.50
CA VAL A 314 -4.64 21.29 4.57
C VAL A 314 -4.34 20.59 3.23
N VAL A 315 -5.36 19.91 2.69
CA VAL A 315 -5.19 19.18 1.44
C VAL A 315 -5.06 20.14 0.25
N ARG A 316 -5.75 21.27 0.35
CA ARG A 316 -5.68 22.30 -0.67
C ARG A 316 -4.23 22.80 -0.74
N ASN A 317 -3.63 23.07 0.40
CA ASN A 317 -2.24 23.53 0.40
C ASN A 317 -1.31 22.49 -0.18
N MET A 318 -1.49 21.23 0.25
CA MET A 318 -0.59 20.15 -0.09
C MET A 318 -0.61 19.82 -1.56
N THR A 319 -1.71 20.15 -2.23
CA THR A 319 -1.85 19.90 -3.69
C THR A 319 -1.67 21.17 -4.52
N SER A 320 -1.43 22.30 -3.87
CA SER A 320 -1.21 23.58 -4.52
C SER A 320 0.24 23.76 -5.00
N GLU A 321 0.42 24.08 -6.28
CA GLU A 321 1.79 24.24 -6.79
C GLU A 321 2.47 25.48 -6.24
N PHE A 322 1.68 26.51 -5.96
CA PHE A 322 2.23 27.73 -5.37
C PHE A 322 2.78 27.41 -3.98
N PHE A 323 1.98 26.73 -3.19
CA PHE A 323 2.43 26.27 -1.89
C PHE A 323 3.73 25.47 -2.04
N ALA A 324 3.79 24.57 -3.02
CA ALA A 324 4.95 23.73 -3.23
C ALA A 324 6.16 24.60 -3.53
N ALA A 325 5.97 25.62 -4.36
CA ALA A 325 7.03 26.53 -4.76
C ALA A 325 7.55 27.32 -3.57
N GLN A 326 6.66 27.75 -2.67
CA GLN A 326 7.08 28.32 -1.39
C GLN A 326 7.96 27.39 -0.55
N LEU A 327 7.64 26.09 -0.51
CA LEU A 327 8.49 25.15 0.22
C LEU A 327 9.84 24.92 -0.50
N ARG A 328 9.76 24.77 -1.82
N ARG A 328 9.79 24.74 -1.82
CA ARG A 328 10.94 24.58 -2.67
CA ARG A 328 11.04 24.54 -2.56
C ARG A 328 11.97 25.70 -2.48
C ARG A 328 12.01 25.69 -2.31
N ALA A 329 11.47 26.91 -2.22
CA ALA A 329 12.28 28.10 -2.02
C ALA A 329 13.02 28.07 -0.70
N GLN A 330 12.54 27.30 0.27
CA GLN A 330 13.22 27.14 1.55
C GLN A 330 14.15 25.95 1.60
N ILE A 331 14.25 25.22 0.50
CA ILE A 331 15.23 24.13 0.43
C ILE A 331 16.62 24.74 0.15
N SER A 332 17.55 24.58 1.09
CA SER A 332 18.89 25.10 0.93
C SER A 332 19.73 24.04 0.22
N ASP A 333 20.39 24.42 -0.87
CA ASP A 333 21.15 23.44 -1.63
C ASP A 333 22.38 22.84 -0.92
N ASP A 334 22.86 23.55 0.11
CA ASP A 334 24.10 23.20 0.78
C ASP A 334 23.89 22.57 2.16
N THR A 335 22.65 22.46 2.64
CA THR A 335 22.43 21.95 3.99
C THR A 335 21.01 21.46 4.24
N THR A 336 20.85 20.49 5.13
CA THR A 336 19.54 20.17 5.64
C THR A 336 19.31 21.03 6.88
N HIS A 337 18.15 20.91 7.50
CA HIS A 337 17.81 21.78 8.65
C HIS A 337 17.23 20.99 9.81
N PRO A 338 17.11 21.62 10.98
CA PRO A 338 16.41 21.01 12.12
C PRO A 338 14.89 20.83 11.85
N ILE A 339 14.26 19.94 12.60
CA ILE A 339 12.84 19.61 12.40
C ILE A 339 11.90 20.82 12.34
N SER A 340 12.10 21.82 13.23
CA SER A 340 11.20 22.97 13.34
C SER A 340 11.19 23.83 12.11
N TYR A 341 12.28 23.75 11.35
CA TYR A 341 12.43 24.48 10.12
C TYR A 341 11.31 24.20 9.14
N TYR A 342 10.86 22.94 9.13
CA TYR A 342 9.87 22.45 8.17
C TYR A 342 8.44 22.68 8.64
N LYS A 343 8.31 23.22 9.85
CA LYS A 343 7.00 23.54 10.47
C LYS A 343 6.02 22.35 10.51
N PRO A 344 6.44 21.24 11.13
CA PRO A 344 5.46 20.17 11.35
C PRO A 344 4.31 20.71 12.22
N GLU A 345 3.09 20.26 11.97
CA GLU A 345 1.95 20.73 12.73
C GLU A 345 1.08 19.61 13.21
N PHE A 346 0.58 19.76 14.44
CA PHE A 346 -0.35 18.82 15.04
C PHE A 346 -1.80 19.37 15.25
N TYR A 347 -1.99 20.67 14.98
CA TYR A 347 -3.30 21.36 14.95
C TYR A 347 -3.28 22.40 13.81
N THR A 348 -4.43 22.76 13.25
CA THR A 348 -4.38 23.69 12.13
C THR A 348 -4.22 25.12 12.65
N THR B 1 1.34 -5.17 3.94
CA THR B 1 0.80 -4.44 2.75
C THR B 1 1.27 -5.12 1.44
N ALA B 2 0.45 -5.07 0.38
CA ALA B 2 0.88 -5.48 -0.97
C ALA B 2 0.33 -4.46 -1.97
N HIS B 3 1.13 -4.12 -2.97
CA HIS B 3 0.61 -3.34 -4.07
C HIS B 3 0.57 -4.19 -5.32
N LEU B 4 -0.45 -3.98 -6.14
CA LEU B 4 -0.39 -4.52 -7.49
C LEU B 4 -0.95 -3.57 -8.52
N SER B 5 -0.47 -3.73 -9.76
CA SER B 5 -0.78 -2.85 -10.89
C SER B 5 -1.29 -3.72 -12.04
N VAL B 6 -2.34 -3.27 -12.71
CA VAL B 6 -2.97 -4.02 -13.80
C VAL B 6 -3.32 -3.05 -14.93
N VAL B 7 -2.97 -3.41 -16.17
CA VAL B 7 -3.49 -2.72 -17.37
C VAL B 7 -4.16 -3.76 -18.30
N ALA B 8 -5.43 -3.55 -18.62
CA ALA B 8 -6.14 -4.48 -19.53
C ALA B 8 -5.89 -4.11 -20.97
N GLU B 9 -6.20 -5.04 -21.86
CA GLU B 9 -6.03 -4.85 -23.29
C GLU B 9 -6.71 -3.60 -23.84
N ASP B 10 -7.85 -3.22 -23.28
CA ASP B 10 -8.55 -2.02 -23.71
C ASP B 10 -7.87 -0.73 -23.21
N GLY B 11 -6.75 -0.84 -22.49
CA GLY B 11 -6.09 0.35 -21.90
C GLY B 11 -6.63 0.86 -20.54
N SER B 12 -7.68 0.21 -20.02
CA SER B 12 -8.13 0.46 -18.65
C SER B 12 -7.12 -0.08 -17.61
N ALA B 13 -7.11 0.52 -16.43
CA ALA B 13 -6.10 0.17 -15.47
C ALA B 13 -6.60 0.17 -14.05
N VAL B 14 -5.97 -0.68 -13.23
CA VAL B 14 -6.22 -0.72 -11.80
C VAL B 14 -4.90 -0.66 -11.02
N SER B 15 -4.81 0.25 -10.05
CA SER B 15 -3.68 0.27 -9.13
C SER B 15 -4.29 0.04 -7.78
N ALA B 16 -3.85 -1.00 -7.09
CA ALA B 16 -4.54 -1.37 -5.85
C ALA B 16 -3.55 -1.71 -4.78
N THR B 17 -3.71 -1.07 -3.61
CA THR B 17 -2.88 -1.39 -2.44
C THR B 17 -3.81 -1.87 -1.33
N SER B 18 -3.41 -2.98 -0.69
CA SER B 18 -4.25 -3.69 0.27
C SER B 18 -3.40 -4.06 1.46
N THR B 19 -3.97 -4.09 2.67
CA THR B 19 -3.13 -4.37 3.81
C THR B 19 -3.88 -4.92 5.00
N ILE B 20 -3.22 -5.82 5.75
CA ILE B 20 -3.61 -6.15 7.14
C ILE B 20 -2.72 -5.46 8.20
N ASN B 21 -1.92 -4.48 7.74
CA ASN B 21 -0.97 -3.71 8.56
C ASN B 21 0.32 -4.44 8.88
N LEU B 22 0.57 -4.81 10.15
CA LEU B 22 1.83 -5.47 10.46
C LEU B 22 1.94 -6.91 9.87
N TYR B 23 3.13 -7.49 9.88
CA TYR B 23 3.25 -8.87 9.40
C TYR B 23 2.26 -9.75 10.18
N PHE B 24 1.43 -10.50 9.48
CA PHE B 24 0.36 -11.34 10.08
C PHE B 24 -0.67 -10.55 10.92
N GLY B 25 -0.81 -9.26 10.59
CA GLY B 25 -1.79 -8.34 11.23
C GLY B 25 -1.75 -8.43 12.75
N SER B 26 -2.93 -8.64 13.34
CA SER B 26 -3.09 -8.76 14.78
C SER B 26 -2.52 -10.06 15.38
N LYS B 27 -2.03 -10.98 14.53
CA LYS B 27 -1.69 -12.33 14.96
C LYS B 27 -2.92 -13.16 15.40
N VAL B 28 -4.14 -12.67 15.14
CA VAL B 28 -5.35 -13.48 15.40
C VAL B 28 -5.78 -14.14 14.09
N ARG B 29 -5.62 -15.47 14.05
CA ARG B 29 -6.15 -16.30 12.96
C ARG B 29 -7.42 -17.03 13.42
N SER B 30 -8.46 -17.02 12.61
CA SER B 30 -9.62 -17.88 12.91
C SER B 30 -9.27 -19.35 12.73
N PRO B 31 -9.44 -20.16 13.79
CA PRO B 31 -9.20 -21.58 13.60
C PRO B 31 -10.31 -22.23 12.73
N VAL B 32 -11.45 -21.56 12.59
CA VAL B 32 -12.56 -22.11 11.80
C VAL B 32 -12.48 -21.61 10.35
N SER B 33 -12.36 -20.30 10.15
CA SER B 33 -12.47 -19.75 8.79
C SER B 33 -11.11 -19.60 8.10
N GLY B 34 -10.05 -19.56 8.91
CA GLY B 34 -8.71 -19.32 8.40
C GLY B 34 -8.37 -17.85 8.26
N ILE B 35 -9.33 -16.97 8.53
CA ILE B 35 -9.14 -15.54 8.27
C ILE B 35 -8.12 -14.97 9.25
N LEU B 36 -7.18 -14.21 8.71
CA LEU B 36 -6.10 -13.61 9.48
C LEU B 36 -6.48 -12.14 9.62
N PHE B 37 -6.77 -11.71 10.86
CA PHE B 37 -7.35 -10.39 11.04
C PHE B 37 -6.33 -9.25 11.11
N ASN B 38 -6.60 -8.15 10.40
CA ASN B 38 -5.74 -6.99 10.42
C ASN B 38 -5.47 -6.45 11.84
N ASN B 39 -4.37 -5.71 12.01
CA ASN B 39 -4.24 -4.78 13.17
C ASN B 39 -4.17 -3.33 12.74
N GLU B 40 -5.10 -2.95 11.88
CA GLU B 40 -5.15 -1.60 11.38
C GLU B 40 -5.43 -0.51 12.45
N MET B 41 -5.96 -0.89 13.64
CA MET B 41 -6.18 0.08 14.73
C MET B 41 -4.83 0.72 15.15
N ASP B 42 -3.75 -0.02 14.96
CA ASP B 42 -2.41 0.50 15.19
C ASP B 42 -2.01 1.66 14.27
N ASP B 43 -2.70 1.86 13.15
CA ASP B 43 -2.44 3.05 12.35
C ASP B 43 -3.05 4.31 12.89
N PHE B 44 -3.88 4.21 13.93
CA PHE B 44 -4.37 5.45 14.56
C PHE B 44 -3.31 5.98 15.49
N SER B 45 -3.32 7.28 15.73
CA SER B 45 -2.58 7.87 16.85
C SER B 45 -3.37 7.68 18.16
N SER B 46 -2.66 7.49 19.28
CA SER B 46 -3.31 7.42 20.62
C SER B 46 -2.68 8.43 21.55
N PRO B 47 -3.50 9.23 22.26
CA PRO B 47 -2.88 10.24 23.13
C PRO B 47 -1.95 9.63 24.22
N SER B 48 -2.19 8.37 24.59
CA SER B 48 -1.40 7.70 25.60
C SER B 48 -0.11 7.03 25.09
N ILE B 49 -0.08 6.59 23.83
CA ILE B 49 1.11 5.92 23.30
C ILE B 49 2.19 6.91 22.76
N THR B 50 3.44 6.67 23.14
CA THR B 50 4.60 7.31 22.47
C THR B 50 5.36 6.31 21.62
N ASN B 51 5.36 6.50 20.30
CA ASN B 51 6.11 5.60 19.42
C ASN B 51 7.59 5.95 19.32
N GLU B 52 7.87 7.25 19.18
CA GLU B 52 9.24 7.71 19.01
C GLU B 52 9.53 8.85 19.96
N PHE B 53 10.74 8.81 20.52
CA PHE B 53 11.31 9.87 21.31
C PHE B 53 10.95 11.20 20.66
N GLY B 54 10.33 12.06 21.46
CA GLY B 54 9.99 13.42 21.04
C GLY B 54 8.96 13.58 19.93
N VAL B 55 8.28 12.48 19.57
CA VAL B 55 7.17 12.58 18.60
C VAL B 55 5.85 12.56 19.35
N PRO B 56 5.08 13.66 19.26
CA PRO B 56 3.80 13.70 19.95
C PRO B 56 2.72 12.94 19.17
N PRO B 57 1.61 12.56 19.84
CA PRO B 57 0.42 12.05 19.13
C PRO B 57 -0.15 13.10 18.17
N SER B 58 -0.74 12.61 17.06
CA SER B 58 -1.43 13.49 16.11
C SER B 58 -2.94 13.41 16.34
N PRO B 59 -3.53 14.41 17.00
CA PRO B 59 -4.97 14.37 17.32
C PRO B 59 -5.89 14.31 16.10
N ALA B 60 -5.44 14.75 14.91
CA ALA B 60 -6.25 14.54 13.69
C ALA B 60 -6.42 13.03 13.37
N ASN B 61 -5.52 12.19 13.88
CA ASN B 61 -5.57 10.74 13.61
C ASN B 61 -5.90 9.91 14.87
N PHE B 62 -6.61 10.52 15.84
CA PHE B 62 -7.12 9.76 17.00
C PHE B 62 -8.26 8.81 16.60
N ILE B 63 -8.44 7.76 17.40
CA ILE B 63 -9.53 6.80 17.16
C ILE B 63 -10.90 7.44 17.43
N GLN B 64 -11.81 7.28 16.49
CA GLN B 64 -13.23 7.54 16.72
C GLN B 64 -14.01 6.35 16.16
N PRO B 65 -15.16 5.99 16.77
CA PRO B 65 -15.98 4.91 16.20
C PRO B 65 -16.39 5.26 14.77
N GLY B 66 -16.26 4.32 13.84
CA GLY B 66 -16.56 4.57 12.43
C GLY B 66 -15.46 5.27 11.63
N LYS B 67 -14.38 5.69 12.30
CA LYS B 67 -13.31 6.44 11.63
C LYS B 67 -12.31 5.49 10.99
N GLN B 68 -11.75 5.90 9.87
CA GLN B 68 -10.65 5.17 9.21
C GLN B 68 -9.30 5.76 9.61
N PRO B 69 -8.33 4.90 9.93
CA PRO B 69 -7.00 5.42 10.32
C PRO B 69 -6.18 5.95 9.13
N LEU B 70 -5.38 7.00 9.35
CA LEU B 70 -4.47 7.53 8.33
C LEU B 70 -3.65 6.39 7.75
N SER B 71 -3.41 6.45 6.44
CA SER B 71 -2.60 5.44 5.72
C SER B 71 -1.51 6.11 4.87
N SER B 72 -0.37 5.43 4.73
CA SER B 72 0.71 5.88 3.80
C SER B 72 0.49 5.38 2.39
N MET B 73 -0.51 4.51 2.22
CA MET B 73 -0.79 3.91 0.92
C MET B 73 -1.14 4.97 -0.11
N CYS B 74 -0.75 4.79 -1.37
N CYS B 74 -0.72 4.76 -1.35
CA CYS B 74 -1.10 5.77 -2.39
CA CYS B 74 -0.97 5.71 -2.40
C CYS B 74 -1.07 5.18 -3.80
C CYS B 74 -0.96 5.04 -3.78
N PRO B 75 -2.00 4.22 -4.07
CA PRO B 75 -2.02 3.56 -5.37
C PRO B 75 -2.37 4.59 -6.46
N THR B 76 -1.51 4.68 -7.46
CA THR B 76 -1.53 5.77 -8.39
C THR B 76 -1.62 5.30 -9.83
N ILE B 77 -2.34 6.06 -10.65
CA ILE B 77 -2.35 5.87 -12.09
C ILE B 77 -2.06 7.21 -12.76
N MET B 78 -1.05 7.23 -13.62
CA MET B 78 -0.66 8.43 -14.38
C MET B 78 -1.20 8.23 -15.80
N VAL B 79 -1.92 9.24 -16.31
CA VAL B 79 -2.57 9.16 -17.62
C VAL B 79 -2.00 10.33 -18.45
N GLY B 80 -1.64 10.07 -19.70
CA GLY B 80 -1.15 11.10 -20.59
C GLY B 80 -2.28 11.96 -21.12
N GLN B 81 -1.94 13.13 -21.67
CA GLN B 81 -2.95 14.05 -22.20
C GLN B 81 -3.88 13.39 -23.25
N ASP B 82 -3.39 12.38 -23.95
CA ASP B 82 -4.20 11.68 -24.94
C ASP B 82 -5.19 10.68 -24.34
N GLY B 83 -5.27 10.60 -23.01
CA GLY B 83 -6.19 9.69 -22.36
C GLY B 83 -5.66 8.28 -22.20
N GLN B 84 -4.45 8.04 -22.70
CA GLN B 84 -3.80 6.73 -22.51
C GLN B 84 -3.00 6.66 -21.21
N VAL B 85 -3.08 5.52 -20.54
CA VAL B 85 -2.31 5.24 -19.33
C VAL B 85 -0.83 5.28 -19.63
N ARG B 86 -0.10 5.99 -18.76
CA ARG B 86 1.36 6.08 -18.87
C ARG B 86 2.09 5.26 -17.80
N MET B 87 1.55 5.19 -16.59
CA MET B 87 2.19 4.46 -15.49
C MET B 87 1.17 4.03 -14.46
N VAL B 88 1.30 2.79 -13.99
CA VAL B 88 0.47 2.26 -12.91
C VAL B 88 1.43 1.83 -11.81
N VAL B 89 1.33 2.47 -10.63
CA VAL B 89 2.40 2.33 -9.62
C VAL B 89 1.88 2.51 -8.19
N GLY B 90 2.57 1.87 -7.26
CA GLY B 90 2.29 1.98 -5.83
C GLY B 90 3.29 1.11 -5.08
N ALA B 91 3.19 1.07 -3.74
CA ALA B 91 4.14 0.36 -2.93
C ALA B 91 3.51 -0.16 -1.66
N ALA B 92 4.22 -1.11 -1.07
CA ALA B 92 4.03 -1.56 0.30
C ALA B 92 5.23 -1.12 1.12
N GLY B 93 5.03 -0.96 2.44
CA GLY B 93 6.13 -0.71 3.37
C GLY B 93 5.90 0.42 4.38
N GLY B 94 4.73 0.44 5.01
CA GLY B 94 4.46 1.44 6.06
C GLY B 94 4.70 2.86 5.58
N THR B 95 5.37 3.69 6.38
CA THR B 95 5.56 5.10 6.02
C THR B 95 6.50 5.28 4.80
N GLN B 96 7.18 4.21 4.41
CA GLN B 96 8.05 4.21 3.23
C GLN B 96 7.31 4.07 1.93
N ILE B 97 6.03 3.69 1.99
CA ILE B 97 5.24 3.60 0.75
C ILE B 97 5.24 4.89 -0.08
N THR B 98 5.00 6.03 0.57
CA THR B 98 4.80 7.28 -0.14
C THR B 98 6.10 7.80 -0.77
N THR B 99 7.22 7.68 -0.05
CA THR B 99 8.52 8.09 -0.57
C THR B 99 8.96 7.12 -1.68
N ALA B 100 8.71 5.83 -1.51
CA ALA B 100 9.13 4.82 -2.50
C ALA B 100 8.38 5.03 -3.81
N THR B 101 7.08 5.31 -3.70
CA THR B 101 6.23 5.60 -4.86
C THR B 101 6.68 6.86 -5.61
N ALA B 102 6.99 7.93 -4.86
CA ALA B 102 7.56 9.13 -5.43
C ALA B 102 8.86 8.79 -6.14
N LEU B 103 9.69 7.95 -5.50
CA LEU B 103 10.97 7.61 -6.13
C LEU B 103 10.76 6.87 -7.46
N ALA B 104 9.90 5.85 -7.46
CA ALA B 104 9.64 5.09 -8.67
C ALA B 104 9.19 6.02 -9.81
N ILE B 105 8.39 7.02 -9.47
CA ILE B 105 7.90 7.97 -10.47
C ILE B 105 9.02 8.87 -10.97
N ILE B 106 9.79 9.43 -10.04
CA ILE B 106 10.94 10.30 -10.37
C ILE B 106 11.88 9.55 -11.29
N TYR B 107 12.23 8.32 -10.88
CA TYR B 107 13.18 7.50 -11.60
C TYR B 107 12.74 7.26 -13.03
N ASN B 108 11.49 6.88 -13.23
CA ASN B 108 11.04 6.61 -14.59
C ASN B 108 10.78 7.90 -15.36
N LEU B 109 9.99 8.79 -14.79
CA LEU B 109 9.50 9.94 -15.50
C LEU B 109 10.58 10.99 -15.72
N TRP B 110 11.44 11.22 -14.72
CA TRP B 110 12.48 12.29 -14.85
C TRP B 110 13.89 11.81 -15.14
N PHE B 111 14.37 10.79 -14.44
CA PHE B 111 15.73 10.29 -14.66
C PHE B 111 15.80 9.41 -15.91
N GLY B 112 14.66 8.88 -16.31
CA GLY B 112 14.57 8.17 -17.57
C GLY B 112 14.82 6.69 -17.44
N TYR B 113 14.75 6.14 -16.23
CA TYR B 113 15.04 4.74 -16.03
C TYR B 113 13.85 3.91 -16.52
N ASP B 114 14.10 2.81 -17.24
CA ASP B 114 12.99 1.95 -17.64
C ASP B 114 12.28 1.39 -16.40
N VAL B 115 11.13 0.76 -16.56
CA VAL B 115 10.34 0.39 -15.38
C VAL B 115 11.05 -0.58 -14.43
N LYS B 116 11.78 -1.55 -14.98
CA LYS B 116 12.48 -2.51 -14.11
C LYS B 116 13.55 -1.80 -13.27
N ARG B 117 14.37 -0.94 -13.91
CA ARG B 117 15.35 -0.17 -13.17
C ARG B 117 14.68 0.77 -12.16
N ALA B 118 13.55 1.38 -12.54
CA ALA B 118 12.82 2.28 -11.63
C ALA B 118 12.40 1.57 -10.35
N VAL B 119 12.11 0.27 -10.46
CA VAL B 119 11.68 -0.58 -9.34
C VAL B 119 12.88 -1.08 -8.53
N GLU B 120 13.95 -1.42 -9.24
CA GLU B 120 15.11 -2.07 -8.65
C GLU B 120 16.11 -1.06 -8.09
N GLU B 121 16.13 0.15 -8.64
CA GLU B 121 17.05 1.20 -8.22
C GLU B 121 17.05 1.40 -6.70
N PRO B 122 18.24 1.53 -6.11
CA PRO B 122 18.29 1.82 -4.66
C PRO B 122 17.41 3.01 -4.20
N ARG B 123 16.87 2.90 -3.00
CA ARG B 123 15.94 3.93 -2.48
C ARG B 123 16.47 4.56 -1.21
N LEU B 124 15.91 5.69 -0.81
CA LEU B 124 16.25 6.23 0.50
C LEU B 124 14.98 6.82 1.05
N HIS B 125 14.96 7.18 2.32
CA HIS B 125 13.73 7.61 2.95
C HIS B 125 14.03 8.57 4.08
N ASN B 126 13.23 9.62 4.20
CA ASN B 126 13.26 10.46 5.38
C ASN B 126 11.85 10.86 5.63
N GLN B 127 11.41 10.81 6.88
CA GLN B 127 10.02 11.20 7.17
C GLN B 127 9.96 12.27 8.21
N LEU B 128 11.07 13.00 8.38
CA LEU B 128 11.17 14.15 9.28
C LEU B 128 11.32 13.75 10.75
N LEU B 129 10.31 13.05 11.26
CA LEU B 129 10.40 12.42 12.57
C LEU B 129 10.22 10.91 12.40
N PRO B 130 11.22 10.09 12.77
CA PRO B 130 12.51 10.54 13.30
C PRO B 130 13.35 11.25 12.26
N ASN B 131 14.39 11.91 12.74
CA ASN B 131 15.16 12.88 12.00
C ASN B 131 16.09 12.28 10.91
N VAL B 132 16.39 10.99 11.04
CA VAL B 132 17.42 10.33 10.23
C VAL B 132 17.02 10.08 8.76
N THR B 133 18.01 9.96 7.88
CA THR B 133 17.77 9.56 6.49
C THR B 133 18.24 8.12 6.32
N THR B 134 17.33 7.24 5.92
CA THR B 134 17.65 5.83 5.78
C THR B 134 17.97 5.59 4.31
N VAL B 135 19.08 4.90 4.05
CA VAL B 135 19.45 4.56 2.68
C VAL B 135 19.59 3.05 2.55
N GLU B 136 19.29 2.52 1.37
CA GLU B 136 19.49 1.10 1.09
C GLU B 136 20.96 0.75 0.89
N ARG B 137 21.29 -0.50 1.18
CA ARG B 137 22.65 -1.03 1.21
C ARG B 137 23.51 -0.75 -0.03
N ASN B 138 22.91 -0.74 -1.19
CA ASN B 138 23.68 -0.63 -2.41
C ASN B 138 23.49 0.72 -3.11
N ILE B 139 23.07 1.74 -2.35
CA ILE B 139 22.97 3.09 -2.91
C ILE B 139 24.33 3.57 -3.45
N ASP B 140 24.29 4.39 -4.49
CA ASP B 140 25.46 5.09 -4.95
C ASP B 140 26.07 5.86 -3.74
N GLN B 141 27.24 5.41 -3.28
CA GLN B 141 27.87 6.05 -2.13
C GLN B 141 28.31 7.46 -2.36
N ALA B 142 28.25 7.92 -3.61
CA ALA B 142 28.45 9.36 -3.85
C ALA B 142 27.21 10.12 -3.33
N VAL B 143 26.05 9.47 -3.38
CA VAL B 143 24.84 10.04 -2.78
C VAL B 143 24.95 10.15 -1.25
N THR B 144 25.34 9.05 -0.61
CA THR B 144 25.58 9.04 0.82
C THR B 144 26.49 10.22 1.20
N ALA B 145 27.58 10.38 0.46
CA ALA B 145 28.55 11.41 0.73
C ALA B 145 27.95 12.82 0.60
N ALA B 146 27.24 13.07 -0.52
CA ALA B 146 26.61 14.36 -0.77
C ALA B 146 25.54 14.69 0.32
N LEU B 147 24.90 13.67 0.87
CA LEU B 147 23.96 13.84 1.97
C LEU B 147 24.69 14.20 3.26
N GLU B 148 25.74 13.47 3.59
CA GLU B 148 26.42 13.69 4.87
C GLU B 148 27.16 15.02 4.85
N THR B 149 27.79 15.36 3.73
CA THR B 149 28.44 16.68 3.69
C THR B 149 27.41 17.80 3.84
N ARG B 150 26.14 17.50 3.61
CA ARG B 150 25.12 18.51 3.78
C ARG B 150 24.39 18.36 5.11
N HIS B 151 25.03 17.59 6.01
CA HIS B 151 24.59 17.40 7.38
C HIS B 151 23.41 16.48 7.58
N HIS B 152 23.07 15.63 6.62
CA HIS B 152 22.10 14.58 6.90
C HIS B 152 22.85 13.52 7.64
N HIS B 153 22.30 13.00 8.72
CA HIS B 153 22.87 11.77 9.29
CA HIS B 153 22.83 11.78 9.32
C HIS B 153 22.15 10.61 8.60
N THR B 154 22.93 9.72 7.98
CA THR B 154 22.32 8.61 7.28
C THR B 154 22.54 7.33 8.07
N GLN B 155 21.71 6.34 7.76
CA GLN B 155 21.92 5.01 8.26
C GLN B 155 21.38 4.03 7.21
N ILE B 156 21.89 2.81 7.28
CA ILE B 156 21.65 1.86 6.22
C ILE B 156 20.50 0.95 6.63
N ALA B 157 19.55 0.71 5.74
CA ALA B 157 18.39 -0.12 6.07
C ALA B 157 18.91 -1.52 6.16
N SER B 158 18.64 -2.18 7.29
CA SER B 158 19.12 -3.56 7.49
C SER B 158 18.54 -4.54 6.49
N THR B 159 17.31 -4.30 6.03
CA THR B 159 16.75 -5.13 4.96
C THR B 159 16.67 -4.38 3.66
N PHE B 160 15.57 -3.67 3.46
CA PHE B 160 15.33 -2.93 2.23
C PHE B 160 14.24 -1.91 2.51
N ILE B 161 13.99 -1.01 1.56
CA ILE B 161 13.05 0.08 1.79
C ILE B 161 11.93 -0.12 0.79
N ALA B 162 10.75 -0.49 1.31
CA ALA B 162 9.54 -0.66 0.53
C ALA B 162 9.56 -1.77 -0.54
N VAL B 163 8.40 -1.92 -1.18
CA VAL B 163 8.21 -2.88 -2.27
C VAL B 163 7.32 -2.22 -3.32
N VAL B 164 7.82 -2.10 -4.56
CA VAL B 164 7.10 -1.44 -5.66
C VAL B 164 6.73 -2.37 -6.84
N GLN B 165 5.46 -2.33 -7.25
CA GLN B 165 5.04 -2.97 -8.49
C GLN B 165 4.60 -1.88 -9.46
N ALA B 166 5.00 -1.98 -10.71
CA ALA B 166 4.79 -0.86 -11.64
C ALA B 166 4.63 -1.33 -13.07
N ILE B 167 3.86 -0.56 -13.84
CA ILE B 167 3.69 -0.80 -15.28
C ILE B 167 3.78 0.55 -15.97
N VAL B 168 4.53 0.57 -17.08
CA VAL B 168 4.76 1.79 -17.84
C VAL B 168 4.49 1.50 -19.32
N ARG B 169 3.81 2.41 -20.01
CA ARG B 169 3.57 2.29 -21.44
C ARG B 169 4.85 2.64 -22.18
N THR B 170 5.25 1.78 -23.12
CA THR B 170 6.44 2.05 -23.94
C THR B 170 6.06 1.88 -25.41
N ALA B 171 6.98 2.20 -26.31
CA ALA B 171 6.78 1.94 -27.72
C ALA B 171 6.39 0.48 -28.00
N GLY B 172 7.05 -0.46 -27.34
CA GLY B 172 6.76 -1.91 -27.49
C GLY B 172 5.49 -2.45 -26.81
N GLY B 173 4.83 -1.62 -26.00
CA GLY B 173 3.61 -2.04 -25.31
C GLY B 173 3.67 -1.70 -23.84
N TRP B 174 3.37 -2.67 -22.98
CA TRP B 174 3.33 -2.40 -21.55
C TRP B 174 4.48 -3.13 -20.88
N ALA B 175 5.42 -2.35 -20.35
CA ALA B 175 6.53 -2.86 -19.58
C ALA B 175 6.14 -2.91 -18.12
N ALA B 176 6.37 -4.07 -17.51
CA ALA B 176 5.92 -4.39 -16.17
C ALA B 176 7.11 -4.84 -15.35
N ALA B 177 7.05 -4.55 -14.06
CA ALA B 177 8.10 -4.92 -13.14
C ALA B 177 7.54 -5.20 -11.75
N SER B 178 8.09 -6.23 -11.12
CA SER B 178 7.80 -6.57 -9.75
C SER B 178 9.11 -6.52 -8.98
N ASP B 179 9.00 -6.13 -7.72
CA ASP B 179 10.15 -5.80 -6.93
C ASP B 179 10.84 -7.05 -6.43
N SER B 180 12.13 -7.17 -6.75
CA SER B 180 12.91 -8.35 -6.37
C SER B 180 13.14 -8.40 -4.88
N ARG B 181 12.94 -7.26 -4.21
CA ARG B 181 13.08 -7.22 -2.77
C ARG B 181 12.10 -8.21 -2.12
N LYS B 182 10.97 -8.44 -2.77
CA LYS B 182 9.99 -9.36 -2.23
C LYS B 182 9.83 -10.64 -3.10
N GLY B 183 10.28 -10.60 -4.35
CA GLY B 183 10.36 -11.81 -5.17
C GLY B 183 9.22 -12.00 -6.17
N GLY B 184 8.38 -10.99 -6.37
CA GLY B 184 7.31 -11.12 -7.37
C GLY B 184 7.85 -11.16 -8.77
N GLU B 185 7.03 -11.62 -9.72
CA GLU B 185 7.30 -11.39 -11.14
C GLU B 185 5.98 -11.05 -11.78
N PRO B 186 5.99 -10.20 -12.81
CA PRO B 186 4.79 -9.89 -13.59
C PRO B 186 4.41 -11.01 -14.57
N ALA B 187 3.25 -10.87 -15.21
CA ALA B 187 2.80 -11.78 -16.26
C ALA B 187 1.90 -10.94 -17.16
N GLY B 188 1.81 -11.35 -18.43
CA GLY B 188 0.98 -10.65 -19.42
C GLY B 188 0.87 -11.44 -20.70
N TYR B 189 0.36 -10.78 -21.74
CA TYR B 189 0.32 -11.30 -23.11
C TYR B 189 0.21 -10.11 -24.06
C1 NAG C . -15.61 2.14 -19.22
C2 NAG C . -15.87 0.65 -19.05
C3 NAG C . -16.69 0.19 -20.26
C4 NAG C . -17.92 1.09 -20.45
C5 NAG C . -17.45 2.53 -20.67
C6 NAG C . -18.60 3.48 -21.03
C7 NAG C . -14.01 -0.52 -17.88
C8 NAG C . -12.80 -1.35 -18.13
N2 NAG C . -14.66 -0.15 -18.99
O3 NAG C . -17.04 -1.16 -20.02
O4 NAG C . -18.69 0.68 -21.56
O5 NAG C . -16.78 2.91 -19.46
O6 NAG C . -19.38 3.79 -19.89
O7 NAG C . -14.32 -0.23 -16.73
C1 NAG D . -6.38 2.08 28.88
C2 NAG D . -7.38 0.93 28.86
C3 NAG D . -8.81 1.50 28.79
C4 NAG D . -9.04 2.67 29.75
C5 NAG D . -7.94 3.74 29.56
C6 NAG D . -8.05 4.93 30.52
C7 NAG D . -6.30 -1.06 27.67
C8 NAG D . -6.33 -1.84 26.39
N2 NAG D . -7.13 -0.01 27.75
O3 NAG D . -9.76 0.51 29.07
O4 NAG D . -10.32 3.20 29.49
O5 NAG D . -6.68 3.13 29.78
O6 NAG D . -8.04 4.47 31.86
O7 NAG D . -5.54 -1.42 28.56
C1 NAG E . -1.98 27.14 3.69
C2 NAG E . -2.14 27.26 5.20
C3 NAG E . -2.05 28.69 5.72
C4 NAG E . -0.98 29.52 5.04
C5 NAG E . -0.86 29.28 3.55
C6 NAG E . 0.43 29.91 3.02
C7 NAG E . -3.26 25.52 6.38
C8 NAG E . -4.54 24.90 6.88
N2 NAG E . -3.36 26.64 5.67
O3 NAG E . -1.70 28.65 7.09
O4 NAG E . -1.32 30.87 5.26
O5 NAG E . -0.82 27.89 3.30
O6 NAG E . 0.62 29.64 1.64
O7 NAG E . -2.17 25.00 6.63
C1 NAG F . -8.31 17.18 -10.65
C2 NAG F . -9.23 17.03 -11.85
C3 NAG F . -10.24 18.18 -12.00
C4 NAG F . -10.61 18.96 -10.72
C5 NAG F . -9.63 18.81 -9.53
C6 NAG F . -10.32 19.10 -8.20
C7 NAG F . -8.41 15.92 -13.88
C8 NAG F . -7.44 16.02 -15.00
N2 NAG F . -8.36 16.93 -13.02
O3 NAG F . -11.44 17.68 -12.57
O4 NAG F . -10.69 20.34 -11.02
O5 NAG F . -9.06 17.50 -9.50
O6 NAG F . -11.43 18.25 -8.07
O7 NAG F . -9.20 14.96 -13.78
C1 NAG G . -28.22 -9.43 8.21
C2 NAG G . -28.09 -9.71 9.70
C3 NAG G . -29.45 -9.35 10.30
C4 NAG G . -29.71 -7.87 9.95
C5 NAG G . -29.95 -7.74 8.45
C6 NAG G . -30.26 -6.33 7.98
C7 NAG G . -26.43 -11.53 10.18
C8 NAG G . -26.23 -13.03 10.23
N2 NAG G . -27.68 -11.12 9.84
O3 NAG G . -29.44 -9.57 11.68
O4 NAG G . -30.78 -7.35 10.70
O5 NAG G . -28.74 -8.14 7.82
O6 NAG G . -29.11 -5.54 8.18
O7 NAG G . -25.49 -10.76 10.44
CL CL H . -6.14 -21.78 6.37
NA NA I . 10.36 -6.81 -15.15
C1 NAG J . 18.05 16.84 12.83
C2 NAG J . 18.67 17.50 14.07
C3 NAG J . 19.24 18.88 13.72
C4 NAG J . 20.15 18.81 12.50
C5 NAG J . 19.53 18.00 11.37
C6 NAG J . 20.56 17.76 10.28
C7 NAG J . 16.59 18.27 15.17
C8 NAG J . 15.86 18.25 16.48
N2 NAG J . 17.74 17.62 15.19
O3 NAG J . 19.97 19.41 14.81
O4 NAG J . 20.45 20.13 12.07
O5 NAG J . 19.06 16.73 11.83
O6 NAG J . 21.76 17.35 10.91
O7 NAG J . 16.12 18.84 14.18
N SEE K . -0.87 -0.16 7.40
CA SEE K . 0.06 0.73 6.72
CB SEE K . 0.74 -0.04 5.56
OG SEE K . 1.21 -1.35 5.96
B SEE K . 1.80 -2.23 5.12
O1B SEE K . 2.97 -1.73 4.67
O2B SEE K . 2.01 -3.41 5.77
C SEE K . -0.67 1.88 6.01
O SEE K . -1.85 1.65 5.63
OXT SEE K . -0.01 2.93 5.79
CL CL L . 3.87 -5.69 -2.42
#